data_7KKR
#
_entry.id   7KKR
#
_cell.length_a   87.620
_cell.length_b   87.620
_cell.length_c   143.990
_cell.angle_alpha   90.000
_cell.angle_beta   90.000
_cell.angle_gamma   90.000
#
_symmetry.space_group_name_H-M   'P 41'
#
loop_
_entity.id
_entity.type
_entity.pdbx_description
1 polymer 'Putative fluoride ion transporter CrcB'
2 polymer monobody
3 non-polymer DECYL-BETA-D-MALTOPYRANOSIDE
4 non-polymer 'BROMIDE ION'
5 non-polymer 'SODIUM ION'
#
loop_
_entity_poly.entity_id
_entity_poly.type
_entity_poly.pdbx_seq_one_letter_code
_entity_poly.pdbx_strand_id
1 'polypeptide(L)'
;MIKSLFAVIIGGSVGCTLRWLLSTKFNSLFPNLPPGTLVVNLLAGLIIGTALAYFLRQPHLDPFWKLMITTGLCGGLSTF
STFSVEVFALLQAGNYIWALTSVLVHVIGSLIMTALGFFIITILFA
;
A,B
2 'polypeptide(L)'
;GSVSSVPTKLEVVAATPTSLLISWDAPAVTVVHYVITYGETGGNSPVQEFTVPGSKSTATISGLKPGVDYTITVYTMYYS
YSDLYSYSSPISINYRT
;
C,D
#
loop_
_chem_comp.id
_chem_comp.type
_chem_comp.name
_chem_comp.formula
BR non-polymer 'BROMIDE ION' 'Br -1'
DMU D-saccharide DECYL-BETA-D-MALTOPYRANOSIDE 'C22 H42 O11'
NA non-polymer 'SODIUM ION' 'Na 1'
#
# COMPACT_ATOMS: atom_id res chain seq x y z
N ILE A 2 18.24 19.74 -0.10
CA ILE A 2 19.27 18.71 -0.01
C ILE A 2 19.32 18.07 1.38
N LYS A 3 19.29 18.91 2.42
CA LYS A 3 19.20 18.36 3.77
C LYS A 3 17.96 17.49 3.90
N SER A 4 16.87 17.91 3.23
CA SER A 4 15.67 17.07 3.19
C SER A 4 15.96 15.76 2.46
N LEU A 5 16.83 15.81 1.45
CA LEU A 5 17.15 14.61 0.67
C LEU A 5 17.73 13.52 1.55
N PHE A 6 18.60 13.89 2.50
CA PHE A 6 19.21 12.89 3.38
C PHE A 6 18.17 12.23 4.26
N ALA A 7 17.16 12.99 4.70
CA ALA A 7 16.11 12.41 5.54
C ALA A 7 15.38 11.30 4.81
N VAL A 8 14.92 11.58 3.59
CA VAL A 8 14.24 10.56 2.80
C VAL A 8 15.15 9.35 2.60
N ILE A 9 16.42 9.58 2.32
CA ILE A 9 17.34 8.48 2.08
C ILE A 9 17.57 7.69 3.37
N ILE A 10 18.09 8.35 4.40
CA ILE A 10 18.37 7.65 5.65
C ILE A 10 17.10 6.99 6.19
N GLY A 11 15.96 7.66 6.05
CA GLY A 11 14.70 7.13 6.51
C GLY A 11 14.21 5.96 5.67
N GLY A 12 14.08 6.19 4.36
CA GLY A 12 13.67 5.13 3.45
C GLY A 12 14.61 3.95 3.44
N SER A 13 15.91 4.21 3.59
CA SER A 13 16.88 3.13 3.64
C SER A 13 16.59 2.19 4.80
N VAL A 14 16.45 2.74 6.01
CA VAL A 14 16.13 1.92 7.16
C VAL A 14 14.81 1.18 6.94
N GLY A 15 13.77 1.92 6.53
CA GLY A 15 12.48 1.29 6.32
C GLY A 15 12.55 0.19 5.28
N CYS A 16 13.19 0.47 4.15
CA CYS A 16 13.34 -0.54 3.11
C CYS A 16 14.16 -1.74 3.62
N THR A 17 15.27 -1.47 4.30
CA THR A 17 16.06 -2.54 4.89
C THR A 17 15.21 -3.38 5.86
N LEU A 18 14.35 -2.73 6.64
CA LEU A 18 13.45 -3.49 7.50
C LEU A 18 12.46 -4.30 6.69
N ARG A 19 11.74 -3.64 5.78
CA ARG A 19 10.76 -4.35 4.95
C ARG A 19 11.41 -5.56 4.30
N TRP A 20 12.65 -5.42 3.85
CA TRP A 20 13.35 -6.55 3.26
C TRP A 20 13.49 -7.68 4.28
N LEU A 21 14.21 -7.42 5.38
CA LEU A 21 14.51 -8.47 6.33
C LEU A 21 13.25 -9.16 6.84
N LEU A 22 12.25 -8.37 7.23
CA LEU A 22 11.01 -8.97 7.69
C LEU A 22 10.29 -9.74 6.59
N SER A 23 10.41 -9.30 5.34
CA SER A 23 9.67 -9.95 4.26
C SER A 23 10.29 -11.31 3.90
N THR A 24 11.61 -11.35 3.76
CA THR A 24 12.28 -12.61 3.43
C THR A 24 12.11 -13.62 4.57
N LYS A 25 12.44 -13.21 5.79
CA LYS A 25 12.44 -14.15 6.90
C LYS A 25 11.05 -14.70 7.22
N PHE A 26 9.97 -14.03 6.82
CA PHE A 26 8.65 -14.40 7.32
C PHE A 26 7.61 -14.68 6.24
N ASN A 27 7.74 -14.04 5.07
CA ASN A 27 6.71 -14.19 4.04
C ASN A 27 6.42 -15.65 3.75
N SER A 28 7.47 -16.46 3.61
CA SER A 28 7.34 -17.84 3.14
C SER A 28 6.61 -18.76 4.11
N LEU A 29 6.09 -18.24 5.24
CA LEU A 29 5.44 -19.09 6.22
C LEU A 29 3.94 -19.19 6.03
N PHE A 30 3.31 -18.23 5.36
CA PHE A 30 1.87 -18.26 5.09
C PHE A 30 1.64 -17.72 3.67
N PRO A 31 1.69 -18.60 2.66
CA PRO A 31 1.54 -18.11 1.28
C PRO A 31 0.20 -17.44 1.02
N ASN A 32 -0.89 -17.92 1.63
CA ASN A 32 -2.20 -17.36 1.35
C ASN A 32 -2.26 -15.88 1.72
N LEU A 33 -1.44 -15.46 2.67
CA LEU A 33 -1.35 -14.05 3.07
C LEU A 33 0.04 -13.82 3.63
N PRO A 34 1.01 -13.46 2.79
CA PRO A 34 2.39 -13.28 3.25
C PRO A 34 2.46 -12.31 4.41
N PRO A 35 2.84 -12.80 5.61
CA PRO A 35 2.77 -11.96 6.81
C PRO A 35 3.87 -10.93 6.94
N GLY A 36 5.00 -11.08 6.24
CA GLY A 36 6.02 -10.04 6.27
C GLY A 36 5.56 -8.77 5.56
N THR A 37 4.99 -8.93 4.37
CA THR A 37 4.43 -7.78 3.67
C THR A 37 3.31 -7.10 4.47
N LEU A 38 2.75 -7.79 5.45
CA LEU A 38 1.64 -7.24 6.23
C LEU A 38 2.13 -6.49 7.46
N VAL A 39 2.97 -7.14 8.28
CA VAL A 39 3.41 -6.50 9.52
C VAL A 39 4.07 -5.16 9.22
N VAL A 40 4.99 -5.15 8.25
CA VAL A 40 5.61 -3.89 7.85
C VAL A 40 4.53 -2.85 7.58
N ASN A 41 3.42 -3.28 7.00
CA ASN A 41 2.34 -2.36 6.68
C ASN A 41 1.63 -1.90 7.93
N LEU A 42 1.17 -2.85 8.76
CA LEU A 42 0.55 -2.48 10.03
C LEU A 42 1.51 -1.67 10.88
N LEU A 43 2.78 -2.09 10.94
CA LEU A 43 3.75 -1.36 11.76
C LEU A 43 3.95 0.06 11.25
N ALA A 44 3.99 0.24 9.93
CA ALA A 44 4.11 1.59 9.39
C ALA A 44 2.80 2.34 9.56
N GLY A 45 1.67 1.65 9.38
CA GLY A 45 0.39 2.27 9.65
C GLY A 45 0.29 2.69 11.10
N LEU A 46 0.77 1.85 12.01
CA LEU A 46 0.87 2.24 13.40
C LEU A 46 1.72 3.49 13.56
N ILE A 47 2.99 3.41 13.14
CA ILE A 47 3.91 4.54 13.31
C ILE A 47 3.32 5.82 12.77
N ILE A 48 2.68 5.75 11.61
CA ILE A 48 2.20 6.99 10.99
C ILE A 48 1.02 7.56 11.78
N GLY A 49 0.13 6.70 12.26
CA GLY A 49 -0.96 7.20 13.09
C GLY A 49 -0.45 7.91 14.33
N THR A 50 0.45 7.26 15.07
CA THR A 50 1.05 7.92 16.22
C THR A 50 1.81 9.17 15.81
N ALA A 51 2.55 9.10 14.70
CA ALA A 51 3.24 10.30 14.24
C ALA A 51 2.25 11.42 13.94
N LEU A 52 1.10 11.06 13.38
CA LEU A 52 0.08 12.06 13.07
C LEU A 52 -0.31 12.85 14.31
N ALA A 53 -0.72 12.13 15.36
CA ALA A 53 -1.22 12.81 16.54
C ALA A 53 -0.11 13.52 17.31
N TYR A 54 1.12 13.03 17.22
CA TYR A 54 2.18 13.65 18.02
C TYR A 54 2.61 14.99 17.44
N PHE A 55 2.99 15.02 16.16
CA PHE A 55 3.46 16.25 15.55
C PHE A 55 2.41 17.36 15.59
N LEU A 56 1.14 17.01 15.79
CA LEU A 56 0.12 18.02 16.01
C LEU A 56 0.32 18.73 17.34
N ARG A 57 0.43 17.96 18.42
CA ARG A 57 0.61 18.56 19.76
C ARG A 57 1.90 19.36 19.83
N GLN A 58 2.97 18.86 19.22
CA GLN A 58 4.22 19.60 19.18
C GLN A 58 4.35 20.22 17.79
N PRO A 59 3.69 21.34 17.54
CA PRO A 59 3.58 21.85 16.17
C PRO A 59 4.81 22.61 15.69
N HIS A 60 5.89 22.68 16.47
CA HIS A 60 7.02 23.52 16.11
C HIS A 60 8.33 22.75 16.02
N LEU A 61 8.29 21.42 15.99
CA LEU A 61 9.50 20.65 15.94
C LEU A 61 10.11 20.65 14.54
N ASP A 62 11.39 20.32 14.47
CA ASP A 62 12.12 20.39 13.21
C ASP A 62 11.40 19.57 12.14
N PRO A 63 11.24 20.10 10.92
CA PRO A 63 10.65 19.28 9.85
C PRO A 63 11.49 18.08 9.45
N PHE A 64 12.77 18.07 9.82
CA PHE A 64 13.66 16.98 9.45
C PHE A 64 13.21 15.66 10.06
N TRP A 65 12.78 15.67 11.32
CA TRP A 65 12.45 14.42 11.99
C TRP A 65 11.11 13.85 11.52
N LYS A 66 10.13 14.73 11.23
CA LYS A 66 8.87 14.25 10.70
C LYS A 66 9.07 13.63 9.32
N LEU A 67 9.99 14.21 8.53
CA LEU A 67 10.28 13.68 7.20
C LEU A 67 10.90 12.29 7.27
N MET A 68 12.00 12.17 8.03
CA MET A 68 12.67 10.87 8.15
C MET A 68 11.71 9.78 8.60
N ILE A 69 10.76 10.10 9.49
CA ILE A 69 9.89 9.09 10.05
C ILE A 69 8.71 8.79 9.12
N THR A 70 8.12 9.84 8.55
CA THR A 70 6.95 9.62 7.70
C THR A 70 7.37 9.14 6.32
N THR A 71 7.78 10.07 5.44
CA THR A 71 8.06 9.72 4.05
C THR A 71 9.21 8.72 3.95
N GLY A 72 10.17 8.79 4.86
CA GLY A 72 11.23 7.81 4.90
C GLY A 72 10.77 6.52 5.56
N LEU A 73 11.09 6.37 6.85
CA LEU A 73 10.81 5.16 7.60
C LEU A 73 9.50 4.50 7.18
N CYS A 74 8.38 5.18 7.42
CA CYS A 74 7.09 4.58 7.07
C CYS A 74 7.00 4.31 5.57
N GLY A 75 7.37 5.31 4.76
CA GLY A 75 7.33 5.12 3.31
C GLY A 75 8.23 3.99 2.85
N GLY A 76 9.44 3.90 3.42
CA GLY A 76 10.31 2.78 3.10
C GLY A 76 9.83 1.47 3.72
N LEU A 77 9.39 1.51 4.98
CA LEU A 77 8.95 0.29 5.65
C LEU A 77 7.75 -0.32 4.93
N SER A 78 6.75 0.49 4.62
CA SER A 78 5.56 -0.03 3.98
C SER A 78 5.83 -0.37 2.51
N THR A 79 4.84 -0.98 1.87
CA THR A 79 4.93 -1.34 0.46
C THR A 79 3.53 -1.56 -0.08
N PHE A 80 3.35 -1.19 -1.35
CA PHE A 80 2.13 -1.50 -2.07
C PHE A 80 2.35 -2.46 -3.23
N SER A 81 3.52 -2.39 -3.88
CA SER A 81 3.82 -3.30 -4.98
C SER A 81 3.81 -4.76 -4.50
N THR A 82 4.44 -5.04 -3.37
CA THR A 82 4.49 -6.41 -2.87
C THR A 82 3.10 -6.90 -2.51
N PHE A 83 2.31 -6.03 -1.88
CA PHE A 83 0.92 -6.35 -1.65
C PHE A 83 0.19 -6.59 -2.97
N SER A 84 0.57 -5.87 -4.03
CA SER A 84 -0.06 -6.08 -5.32
C SER A 84 0.27 -7.45 -5.89
N VAL A 85 1.56 -7.74 -6.06
CA VAL A 85 1.97 -8.99 -6.71
C VAL A 85 1.33 -10.17 -6.01
N GLU A 86 1.45 -10.21 -4.67
CA GLU A 86 0.86 -11.30 -3.91
C GLU A 86 -0.60 -11.50 -4.28
N VAL A 87 -1.38 -10.42 -4.21
CA VAL A 87 -2.79 -10.52 -4.55
C VAL A 87 -2.94 -10.95 -6.00
N PHE A 88 -2.15 -10.34 -6.89
CA PHE A 88 -2.18 -10.74 -8.29
C PHE A 88 -1.76 -12.18 -8.46
N ALA A 89 -0.71 -12.60 -7.75
CA ALA A 89 -0.29 -13.99 -7.74
C ALA A 89 -1.43 -14.90 -7.30
N LEU A 90 -2.13 -14.53 -6.21
CA LEU A 90 -3.25 -15.34 -5.75
C LEU A 90 -4.41 -15.27 -6.73
N LEU A 91 -4.66 -14.10 -7.30
CA LEU A 91 -5.71 -13.98 -8.31
C LEU A 91 -5.38 -14.84 -9.52
N GLN A 92 -4.12 -14.82 -9.96
CA GLN A 92 -3.70 -15.69 -11.07
C GLN A 92 -3.88 -17.16 -10.73
N ALA A 93 -3.69 -17.54 -9.47
CA ALA A 93 -3.77 -18.94 -9.06
C ALA A 93 -5.20 -19.41 -8.79
N GLY A 94 -6.22 -18.63 -9.17
CA GLY A 94 -7.60 -19.01 -8.94
C GLY A 94 -7.98 -19.05 -7.47
N ASN A 95 -7.11 -18.51 -6.63
CA ASN A 95 -7.35 -18.44 -5.19
C ASN A 95 -8.09 -17.15 -4.83
N TYR A 96 -9.32 -17.05 -5.32
CA TYR A 96 -10.10 -15.82 -5.14
C TYR A 96 -10.35 -15.53 -3.67
N ILE A 97 -10.60 -16.58 -2.90
CA ILE A 97 -10.93 -16.39 -1.49
C ILE A 97 -9.84 -15.60 -0.79
N TRP A 98 -8.59 -16.06 -0.87
CA TRP A 98 -7.54 -15.39 -0.14
C TRP A 98 -7.08 -14.10 -0.80
N ALA A 99 -7.21 -14.01 -2.13
CA ALA A 99 -6.93 -12.73 -2.78
C ALA A 99 -7.77 -11.62 -2.17
N LEU A 100 -9.06 -11.89 -1.96
CA LEU A 100 -9.94 -10.93 -1.32
C LEU A 100 -9.54 -10.68 0.13
N THR A 101 -9.46 -11.76 0.92
CA THR A 101 -9.03 -11.63 2.32
C THR A 101 -7.77 -10.79 2.46
N SER A 102 -6.75 -11.08 1.65
CA SER A 102 -5.51 -10.31 1.73
C SER A 102 -5.78 -8.82 1.52
N VAL A 103 -6.68 -8.48 0.60
CA VAL A 103 -6.99 -7.08 0.33
C VAL A 103 -7.62 -6.44 1.57
N LEU A 104 -8.62 -7.10 2.14
CA LEU A 104 -9.31 -6.57 3.31
C LEU A 104 -8.33 -6.38 4.47
N VAL A 105 -7.68 -7.47 4.89
CA VAL A 105 -6.84 -7.42 6.08
C VAL A 105 -5.78 -6.32 5.96
N HIS A 106 -5.22 -6.13 4.77
CA HIS A 106 -4.22 -5.09 4.59
C HIS A 106 -4.81 -3.71 4.82
N VAL A 107 -5.97 -3.45 4.21
CA VAL A 107 -6.59 -2.14 4.30
C VAL A 107 -7.19 -1.96 5.69
N ILE A 108 -8.25 -2.70 5.99
CA ILE A 108 -8.94 -2.61 7.26
C ILE A 108 -7.90 -2.59 8.37
N GLY A 109 -6.92 -3.49 8.27
CA GLY A 109 -5.95 -3.58 9.35
C GLY A 109 -5.06 -2.36 9.44
N SER A 110 -4.47 -1.97 8.31
CA SER A 110 -3.59 -0.81 8.30
C SER A 110 -4.33 0.43 8.77
N LEU A 111 -5.59 0.58 8.35
CA LEU A 111 -6.40 1.72 8.80
C LEU A 111 -6.65 1.63 10.30
N ILE A 112 -7.02 0.45 10.77
CA ILE A 112 -7.18 0.27 12.21
C ILE A 112 -5.88 0.60 12.93
N MET A 113 -4.75 0.20 12.37
CA MET A 113 -3.47 0.48 13.01
C MET A 113 -3.18 1.98 13.06
N THR A 114 -3.49 2.70 11.99
CA THR A 114 -3.25 4.14 11.98
C THR A 114 -4.16 4.85 12.98
N ALA A 115 -5.45 4.51 12.97
CA ALA A 115 -6.38 5.03 13.98
C ALA A 115 -5.89 4.68 15.37
N LEU A 116 -5.48 3.43 15.57
CA LEU A 116 -4.95 3.03 16.86
C LEU A 116 -3.74 3.89 17.22
N GLY A 117 -2.79 4.02 16.30
CA GLY A 117 -1.63 4.85 16.61
C GLY A 117 -2.03 6.27 16.96
N PHE A 118 -2.93 6.85 16.16
CA PHE A 118 -3.35 8.23 16.39
C PHE A 118 -4.10 8.36 17.72
N PHE A 119 -5.09 7.49 17.95
CA PHE A 119 -5.97 7.67 19.10
C PHE A 119 -5.25 7.41 20.42
N ILE A 120 -4.30 6.48 20.44
CA ILE A 120 -3.48 6.31 21.64
C ILE A 120 -2.81 7.63 22.00
N ILE A 121 -2.03 8.18 21.08
CA ILE A 121 -1.32 9.43 21.35
C ILE A 121 -2.32 10.51 21.77
N THR A 122 -3.43 10.63 21.06
CA THR A 122 -4.42 11.65 21.39
C THR A 122 -4.93 11.48 22.82
N ILE A 123 -5.20 10.23 23.22
CA ILE A 123 -5.65 9.99 24.58
C ILE A 123 -4.52 10.17 25.58
N LEU A 124 -3.28 10.00 25.15
CA LEU A 124 -2.15 10.20 26.06
C LEU A 124 -2.05 11.65 26.50
N PHE A 125 -2.01 12.59 25.55
CA PHE A 125 -1.83 14.01 25.86
C PHE A 125 -2.98 14.55 26.70
N ALA A 126 -3.95 13.71 27.04
CA ALA A 126 -5.04 14.10 27.92
C ALA A 126 -4.99 13.31 29.22
N MET B 1 25.73 -11.64 2.57
CA MET B 1 24.57 -10.86 2.17
C MET B 1 24.71 -9.39 2.56
N ILE B 2 25.91 -8.86 2.38
CA ILE B 2 26.11 -7.41 2.42
C ILE B 2 25.92 -6.80 1.04
N LYS B 3 26.44 -7.47 0.01
CA LYS B 3 26.10 -7.10 -1.36
C LYS B 3 24.59 -7.05 -1.53
N SER B 4 23.89 -8.02 -0.93
CA SER B 4 22.43 -8.01 -0.97
C SER B 4 21.87 -6.74 -0.37
N LEU B 5 22.53 -6.19 0.65
CA LEU B 5 22.00 -5.02 1.33
C LEU B 5 22.10 -3.77 0.44
N PHE B 6 23.23 -3.57 -0.25
CA PHE B 6 23.37 -2.39 -1.09
C PHE B 6 22.27 -2.33 -2.13
N ALA B 7 21.83 -3.49 -2.62
CA ALA B 7 20.75 -3.49 -3.60
C ALA B 7 19.49 -2.89 -3.01
N VAL B 8 19.19 -3.21 -1.75
CA VAL B 8 18.00 -2.66 -1.10
C VAL B 8 18.12 -1.16 -0.94
N ILE B 9 19.29 -0.68 -0.53
CA ILE B 9 19.49 0.75 -0.26
C ILE B 9 19.44 1.54 -1.56
N ILE B 10 20.29 1.17 -2.51
CA ILE B 10 20.28 1.86 -3.81
C ILE B 10 18.88 1.88 -4.39
N GLY B 11 18.29 0.69 -4.55
CA GLY B 11 16.97 0.61 -5.16
C GLY B 11 15.93 1.39 -4.38
N GLY B 12 15.87 1.17 -3.07
CA GLY B 12 14.90 1.88 -2.24
C GLY B 12 15.12 3.37 -2.28
N SER B 13 16.36 3.81 -2.09
CA SER B 13 16.67 5.23 -2.14
C SER B 13 16.08 5.88 -3.38
N VAL B 14 16.37 5.31 -4.56
CA VAL B 14 15.75 5.79 -5.79
C VAL B 14 14.24 5.81 -5.65
N GLY B 15 13.67 4.66 -5.29
CA GLY B 15 12.22 4.58 -5.19
C GLY B 15 11.65 5.56 -4.20
N CYS B 16 12.32 5.73 -3.06
CA CYS B 16 11.87 6.69 -2.07
C CYS B 16 11.96 8.10 -2.62
N THR B 17 13.19 8.60 -2.81
CA THR B 17 13.37 9.94 -3.38
C THR B 17 12.43 10.18 -4.53
N LEU B 18 12.35 9.22 -5.45
CA LEU B 18 11.38 9.31 -6.53
C LEU B 18 9.99 9.57 -5.98
N ARG B 19 9.53 8.71 -5.07
CA ARG B 19 8.23 8.91 -4.44
C ARG B 19 8.15 10.28 -3.77
N TRP B 20 9.25 10.71 -3.15
CA TRP B 20 9.24 11.99 -2.44
C TRP B 20 9.05 13.16 -3.40
N LEU B 21 9.85 13.22 -4.46
CA LEU B 21 9.72 14.31 -5.41
C LEU B 21 8.32 14.41 -5.97
N LEU B 22 7.77 13.29 -6.42
CA LEU B 22 6.46 13.32 -7.07
C LEU B 22 5.37 13.81 -6.13
N SER B 23 5.39 13.36 -4.88
CA SER B 23 4.31 13.69 -3.95
C SER B 23 4.25 15.18 -3.63
N THR B 24 5.41 15.82 -3.46
CA THR B 24 5.41 17.24 -3.15
C THR B 24 4.93 18.07 -4.33
N LYS B 25 5.29 17.69 -5.55
CA LYS B 25 4.93 18.53 -6.70
C LYS B 25 3.45 18.42 -7.03
N PHE B 26 2.83 17.27 -6.80
CA PHE B 26 1.52 16.99 -7.37
C PHE B 26 0.42 16.68 -6.37
N ASN B 27 0.74 16.32 -5.13
CA ASN B 27 -0.29 15.84 -4.22
C ASN B 27 -1.32 16.91 -3.91
N SER B 28 -0.87 18.16 -3.74
CA SER B 28 -1.77 19.25 -3.38
C SER B 28 -2.78 19.59 -4.47
N LEU B 29 -2.57 19.16 -5.71
CA LEU B 29 -3.44 19.57 -6.80
C LEU B 29 -4.87 19.05 -6.62
N PHE B 30 -5.02 17.83 -6.10
CA PHE B 30 -6.35 17.24 -5.90
C PHE B 30 -6.35 16.53 -4.56
N PRO B 31 -6.87 17.16 -3.51
CA PRO B 31 -6.68 16.63 -2.15
C PRO B 31 -7.63 15.50 -1.82
N ASN B 32 -8.85 15.51 -2.38
CA ASN B 32 -9.79 14.44 -2.09
C ASN B 32 -9.25 13.07 -2.49
N LEU B 33 -8.16 13.04 -3.24
CA LEU B 33 -7.46 11.83 -3.66
C LEU B 33 -6.13 12.24 -4.25
N PRO B 34 -5.12 12.48 -3.43
CA PRO B 34 -3.84 13.03 -3.93
C PRO B 34 -3.29 12.19 -5.06
N PRO B 35 -2.84 12.81 -6.14
CA PRO B 35 -2.42 12.03 -7.31
C PRO B 35 -0.98 11.56 -7.23
N GLY B 36 -0.16 12.27 -6.45
CA GLY B 36 1.23 11.86 -6.30
C GLY B 36 1.36 10.48 -5.69
N THR B 37 0.70 10.26 -4.55
CA THR B 37 0.75 8.95 -3.92
C THR B 37 0.08 7.87 -4.77
N LEU B 38 -0.80 8.26 -5.70
CA LEU B 38 -1.46 7.29 -6.55
C LEU B 38 -0.58 6.89 -7.74
N VAL B 39 0.18 7.83 -8.29
CA VAL B 39 0.98 7.53 -9.48
C VAL B 39 2.13 6.60 -9.10
N VAL B 40 2.77 6.84 -7.96
CA VAL B 40 3.86 5.98 -7.54
C VAL B 40 3.34 4.56 -7.30
N ASN B 41 2.14 4.44 -6.75
CA ASN B 41 1.57 3.11 -6.51
C ASN B 41 1.16 2.45 -7.82
N LEU B 42 0.56 3.21 -8.73
CA LEU B 42 0.32 2.68 -10.06
C LEU B 42 1.63 2.38 -10.78
N LEU B 43 2.62 3.26 -10.60
CA LEU B 43 3.89 3.06 -11.29
C LEU B 43 4.57 1.78 -10.81
N ALA B 44 4.76 1.65 -9.50
CA ALA B 44 5.33 0.42 -8.98
C ALA B 44 4.49 -0.79 -9.37
N GLY B 45 3.17 -0.65 -9.29
CA GLY B 45 2.31 -1.73 -9.75
C GLY B 45 2.60 -2.09 -11.19
N LEU B 46 2.76 -1.08 -12.04
CA LEU B 46 3.13 -1.33 -13.42
C LEU B 46 4.49 -2.02 -13.50
N ILE B 47 5.47 -1.50 -12.77
CA ILE B 47 6.82 -2.06 -12.81
C ILE B 47 6.81 -3.50 -12.31
N ILE B 48 6.25 -3.74 -11.13
CA ILE B 48 6.32 -5.06 -10.55
C ILE B 48 5.57 -6.07 -11.40
N GLY B 49 4.50 -5.65 -12.06
CA GLY B 49 3.81 -6.55 -12.98
C GLY B 49 4.68 -6.94 -14.15
N THR B 50 5.44 -5.98 -14.68
CA THR B 50 6.42 -6.28 -15.71
C THR B 50 7.55 -7.14 -15.17
N ALA B 51 8.13 -6.75 -14.03
CA ALA B 51 9.14 -7.60 -13.42
C ALA B 51 8.63 -9.04 -13.22
N LEU B 52 7.33 -9.18 -12.92
CA LEU B 52 6.76 -10.51 -12.73
C LEU B 52 6.99 -11.38 -13.95
N ALA B 53 6.47 -10.96 -15.09
CA ALA B 53 6.47 -11.75 -16.31
C ALA B 53 7.80 -11.73 -17.04
N TYR B 54 8.76 -10.91 -16.60
CA TYR B 54 10.10 -10.95 -17.17
C TYR B 54 11.05 -11.79 -16.32
N PHE B 55 11.08 -11.57 -15.01
CA PHE B 55 11.83 -12.47 -14.14
C PHE B 55 11.51 -13.93 -14.46
N LEU B 56 10.24 -14.24 -14.67
CA LEU B 56 9.85 -15.62 -14.94
C LEU B 56 10.63 -16.20 -16.10
N ARG B 57 10.88 -15.39 -17.13
CA ARG B 57 11.54 -15.85 -18.35
C ARG B 57 13.06 -15.80 -18.27
N GLN B 58 13.63 -15.46 -17.12
CA GLN B 58 15.08 -15.25 -16.98
C GLN B 58 15.57 -15.91 -15.71
N PRO B 59 15.53 -17.24 -15.63
CA PRO B 59 15.74 -17.91 -14.35
C PRO B 59 17.10 -17.66 -13.73
N HIS B 60 18.07 -17.18 -14.49
CA HIS B 60 19.46 -17.11 -14.00
C HIS B 60 19.95 -15.68 -13.82
N LEU B 61 19.06 -14.72 -13.67
CA LEU B 61 19.45 -13.36 -13.33
C LEU B 61 20.04 -13.27 -11.92
N ASP B 62 20.87 -12.26 -11.73
CA ASP B 62 21.52 -12.10 -10.43
C ASP B 62 20.47 -11.81 -9.38
N PRO B 63 20.44 -12.54 -8.26
CA PRO B 63 19.52 -12.17 -7.18
C PRO B 63 19.72 -10.72 -6.74
N PHE B 64 20.78 -10.08 -7.22
CA PHE B 64 21.12 -8.72 -6.85
C PHE B 64 20.16 -7.73 -7.49
N TRP B 65 20.02 -7.79 -8.82
CA TRP B 65 19.16 -6.82 -9.50
C TRP B 65 17.69 -7.06 -9.16
N LYS B 66 17.27 -8.32 -9.10
CA LYS B 66 15.89 -8.62 -8.71
C LYS B 66 15.55 -7.93 -7.40
N LEU B 67 16.45 -8.04 -6.43
CA LEU B 67 16.29 -7.33 -5.16
C LEU B 67 16.17 -5.83 -5.38
N MET B 68 17.14 -5.25 -6.11
CA MET B 68 17.19 -3.80 -6.27
C MET B 68 15.94 -3.25 -6.95
N ILE B 69 15.31 -4.01 -7.83
CA ILE B 69 14.15 -3.51 -8.55
C ILE B 69 12.88 -3.66 -7.70
N THR B 70 12.61 -4.88 -7.22
CA THR B 70 11.37 -5.16 -6.51
C THR B 70 11.44 -4.60 -5.10
N THR B 71 12.17 -5.27 -4.21
CA THR B 71 12.25 -4.81 -2.83
C THR B 71 12.73 -3.36 -2.76
N GLY B 72 13.79 -3.04 -3.49
CA GLY B 72 14.36 -1.72 -3.46
C GLY B 72 13.47 -0.67 -4.11
N LEU B 73 13.50 -0.60 -5.44
CA LEU B 73 12.77 0.44 -6.16
C LEU B 73 11.27 0.36 -5.88
N CYS B 74 10.60 -0.66 -6.41
CA CYS B 74 9.15 -0.77 -6.23
C CYS B 74 8.75 -0.68 -4.76
N GLY B 75 9.45 -1.43 -3.90
CA GLY B 75 9.16 -1.34 -2.48
C GLY B 75 9.33 0.07 -1.95
N GLY B 76 10.46 0.70 -2.26
CA GLY B 76 10.68 2.06 -1.81
C GLY B 76 9.81 3.07 -2.54
N LEU B 77 9.50 2.82 -3.82
CA LEU B 77 8.67 3.75 -4.57
C LEU B 77 7.23 3.73 -4.07
N SER B 78 6.61 2.55 -3.97
CA SER B 78 5.25 2.46 -3.47
C SER B 78 5.21 2.72 -1.97
N THR B 79 4.01 2.98 -1.47
CA THR B 79 3.81 3.28 -0.06
C THR B 79 2.43 2.82 0.39
N PHE B 80 2.36 2.32 1.62
CA PHE B 80 1.08 1.94 2.21
C PHE B 80 0.72 2.79 3.42
N SER B 81 1.71 3.16 4.23
CA SER B 81 1.47 4.08 5.34
C SER B 81 0.90 5.39 4.83
N THR B 82 1.58 6.03 3.89
CA THR B 82 1.10 7.29 3.34
C THR B 82 -0.28 7.13 2.70
N PHE B 83 -0.62 5.92 2.26
CA PHE B 83 -1.97 5.67 1.79
C PHE B 83 -2.97 5.69 2.94
N SER B 84 -2.54 5.30 4.15
CA SER B 84 -3.45 5.16 5.27
C SER B 84 -3.82 6.52 5.87
N VAL B 85 -2.82 7.38 6.06
CA VAL B 85 -3.09 8.69 6.65
C VAL B 85 -4.09 9.46 5.80
N GLU B 86 -3.88 9.49 4.48
CA GLU B 86 -4.80 10.22 3.63
C GLU B 86 -6.23 9.72 3.78
N VAL B 87 -6.42 8.41 3.93
CA VAL B 87 -7.76 7.88 4.14
C VAL B 87 -8.23 8.21 5.56
N PHE B 88 -7.37 7.97 6.54
CA PHE B 88 -7.69 8.31 7.92
C PHE B 88 -8.08 9.78 8.05
N ALA B 89 -7.40 10.65 7.30
CA ALA B 89 -7.73 12.07 7.33
C ALA B 89 -9.07 12.35 6.66
N LEU B 90 -9.31 11.78 5.48
CA LEU B 90 -10.61 11.95 4.85
C LEU B 90 -11.73 11.42 5.74
N LEU B 91 -11.43 10.46 6.61
CA LEU B 91 -12.44 9.92 7.51
C LEU B 91 -12.64 10.82 8.72
N GLN B 92 -11.57 11.36 9.28
CA GLN B 92 -11.73 12.31 10.38
C GLN B 92 -12.43 13.58 9.92
N ALA B 93 -12.27 13.94 8.65
CA ALA B 93 -12.92 15.10 8.07
C ALA B 93 -14.32 14.78 7.55
N GLY B 94 -14.84 13.60 7.87
CA GLY B 94 -16.16 13.22 7.43
C GLY B 94 -16.34 13.18 5.94
N ASN B 95 -15.26 13.04 5.17
CA ASN B 95 -15.33 12.96 3.71
C ASN B 95 -15.32 11.49 3.29
N TYR B 96 -16.44 10.81 3.58
CA TYR B 96 -16.51 9.37 3.38
C TYR B 96 -16.53 9.03 1.90
N ILE B 97 -17.26 9.79 1.10
CA ILE B 97 -17.38 9.50 -0.32
C ILE B 97 -16.00 9.43 -0.97
N TRP B 98 -15.09 10.32 -0.56
CA TRP B 98 -13.74 10.28 -1.12
C TRP B 98 -12.84 9.29 -0.39
N ALA B 99 -12.98 9.17 0.94
CA ALA B 99 -12.17 8.19 1.66
C ALA B 99 -12.37 6.80 1.09
N LEU B 100 -13.63 6.43 0.87
CA LEU B 100 -13.90 5.14 0.25
C LEU B 100 -13.36 5.09 -1.17
N THR B 101 -13.55 6.16 -1.95
CA THR B 101 -13.06 6.17 -3.32
C THR B 101 -11.56 6.00 -3.38
N SER B 102 -10.82 6.66 -2.48
CA SER B 102 -9.36 6.55 -2.49
C SER B 102 -8.93 5.11 -2.28
N VAL B 103 -9.63 4.37 -1.42
CA VAL B 103 -9.30 2.97 -1.17
C VAL B 103 -9.46 2.16 -2.45
N LEU B 104 -10.57 2.38 -3.15
CA LEU B 104 -10.86 1.58 -4.33
C LEU B 104 -9.82 1.80 -5.42
N VAL B 105 -9.55 3.07 -5.76
CA VAL B 105 -8.67 3.34 -6.89
C VAL B 105 -7.29 2.74 -6.66
N HIS B 106 -6.71 3.00 -5.49
CA HIS B 106 -5.38 2.49 -5.21
C HIS B 106 -5.31 0.97 -5.39
N VAL B 107 -6.19 0.25 -4.70
CA VAL B 107 -6.18 -1.21 -4.76
C VAL B 107 -6.30 -1.67 -6.20
N ILE B 108 -7.39 -1.30 -6.87
CA ILE B 108 -7.68 -1.84 -8.20
C ILE B 108 -6.67 -1.34 -9.22
N GLY B 109 -6.41 -0.04 -9.24
CA GLY B 109 -5.41 0.49 -10.17
C GLY B 109 -4.08 -0.22 -10.03
N SER B 110 -3.63 -0.45 -8.80
CA SER B 110 -2.34 -1.10 -8.58
C SER B 110 -2.35 -2.51 -9.15
N LEU B 111 -3.48 -3.21 -9.02
CA LEU B 111 -3.60 -4.55 -9.60
C LEU B 111 -3.75 -4.52 -11.11
N ILE B 112 -4.22 -3.41 -11.68
CA ILE B 112 -4.29 -3.31 -13.12
C ILE B 112 -2.94 -2.92 -13.70
N MET B 113 -2.26 -1.96 -13.08
CA MET B 113 -0.89 -1.70 -13.49
C MET B 113 -0.05 -2.96 -13.37
N THR B 114 -0.39 -3.84 -12.43
CA THR B 114 0.29 -5.13 -12.34
C THR B 114 -0.18 -6.04 -13.47
N ALA B 115 -1.49 -6.08 -13.70
CA ALA B 115 -2.01 -6.90 -14.78
C ALA B 115 -1.48 -6.41 -16.12
N LEU B 116 -1.44 -5.09 -16.31
CA LEU B 116 -0.89 -4.53 -17.54
C LEU B 116 0.57 -4.94 -17.70
N GLY B 117 1.43 -4.53 -16.78
CA GLY B 117 2.84 -4.84 -16.89
C GLY B 117 3.08 -6.33 -17.09
N PHE B 118 2.25 -7.16 -16.47
CA PHE B 118 2.42 -8.61 -16.67
C PHE B 118 1.99 -9.02 -18.07
N PHE B 119 0.78 -8.66 -18.47
CA PHE B 119 0.26 -9.12 -19.75
C PHE B 119 0.85 -8.38 -20.95
N ILE B 120 1.37 -7.17 -20.78
CA ILE B 120 2.05 -6.53 -21.89
C ILE B 120 3.30 -7.30 -22.26
N ILE B 121 4.08 -7.68 -21.25
CA ILE B 121 5.33 -8.40 -21.49
C ILE B 121 5.05 -9.85 -21.85
N THR B 122 4.03 -10.46 -21.25
CA THR B 122 3.64 -11.81 -21.66
C THR B 122 3.20 -11.81 -23.11
N ILE B 123 2.64 -10.71 -23.60
CA ILE B 123 2.11 -10.66 -24.95
C ILE B 123 3.16 -10.24 -25.96
N LEU B 124 4.04 -9.29 -25.59
CA LEU B 124 5.19 -8.97 -26.44
C LEU B 124 5.95 -10.24 -26.75
N PHE B 125 6.53 -10.84 -25.71
CA PHE B 125 7.10 -12.18 -25.84
C PHE B 125 6.07 -13.12 -26.44
N SER C 2 2.51 24.93 -2.27
CA SER C 2 2.15 26.25 -2.77
C SER C 2 0.64 26.47 -2.75
N VAL C 3 -0.04 25.79 -1.83
CA VAL C 3 -1.50 25.85 -1.71
C VAL C 3 -1.84 26.31 -0.30
N SER C 4 -2.66 27.36 -0.21
CA SER C 4 -2.96 27.96 1.08
C SER C 4 -4.01 27.16 1.84
N SER C 5 -3.77 26.98 3.13
CA SER C 5 -4.70 26.32 4.03
C SER C 5 -5.60 27.31 4.76
N VAL C 6 -5.36 28.59 4.64
CA VAL C 6 -6.16 29.60 5.32
C VAL C 6 -7.49 29.75 4.60
N PRO C 7 -8.61 29.97 5.32
CA PRO C 7 -9.88 30.20 4.66
C PRO C 7 -9.92 31.59 4.05
N THR C 8 -10.98 31.84 3.27
CA THR C 8 -11.11 33.11 2.57
C THR C 8 -12.57 33.54 2.59
N LYS C 9 -12.77 34.84 2.41
CA LYS C 9 -14.11 35.45 2.39
C LYS C 9 -14.89 35.12 3.67
N LEU C 10 -14.41 35.68 4.78
CA LEU C 10 -15.07 35.56 6.07
C LEU C 10 -15.99 36.76 6.28
N GLU C 11 -17.26 36.48 6.55
CA GLU C 11 -18.22 37.57 6.69
C GLU C 11 -19.41 37.11 7.52
N VAL C 12 -20.10 38.08 8.12
CA VAL C 12 -21.31 37.81 8.89
C VAL C 12 -22.49 37.88 7.93
N VAL C 13 -23.26 36.80 7.86
CA VAL C 13 -24.31 36.68 6.86
C VAL C 13 -25.66 36.94 7.53
N ALA C 14 -25.78 36.59 8.80
CA ALA C 14 -26.96 36.87 9.57
C ALA C 14 -26.55 37.20 11.00
N ALA C 15 -27.28 38.14 11.62
CA ALA C 15 -26.94 38.59 12.96
C ALA C 15 -28.21 38.81 13.79
N THR C 16 -28.09 38.59 15.09
CA THR C 16 -29.05 39.02 16.08
C THR C 16 -28.30 39.86 17.12
N PRO C 17 -29.02 40.48 18.05
CA PRO C 17 -28.32 41.29 19.06
C PRO C 17 -27.27 40.51 19.85
N THR C 18 -27.44 39.20 20.00
CA THR C 18 -26.55 38.42 20.84
C THR C 18 -25.81 37.31 20.10
N SER C 19 -26.05 37.14 18.79
CA SER C 19 -25.42 36.07 18.04
C SER C 19 -25.04 36.56 16.64
N LEU C 20 -23.86 36.14 16.19
CA LEU C 20 -23.38 36.36 14.84
C LEU C 20 -23.39 35.04 14.10
N LEU C 21 -23.65 35.12 12.80
CA LEU C 21 -23.55 33.97 11.91
C LEU C 21 -22.46 34.27 10.89
N ILE C 22 -21.39 33.49 10.90
CA ILE C 22 -20.24 33.72 10.03
C ILE C 22 -20.22 32.66 8.93
N SER C 23 -19.61 33.03 7.80
CA SER C 23 -19.41 32.12 6.69
C SER C 23 -18.04 32.35 6.08
N TRP C 24 -17.45 31.28 5.54
CA TRP C 24 -16.12 31.34 4.97
C TRP C 24 -16.04 30.41 3.77
N ASP C 25 -15.06 30.66 2.93
CA ASP C 25 -14.75 29.77 1.82
C ASP C 25 -13.65 28.81 2.27
N ALA C 26 -13.89 27.52 2.11
CA ALA C 26 -12.95 26.53 2.58
C ALA C 26 -11.70 26.51 1.70
N PRO C 27 -10.52 26.27 2.29
CA PRO C 27 -9.32 26.14 1.47
C PRO C 27 -9.33 24.86 0.64
N ALA C 28 -8.48 24.86 -0.39
CA ALA C 28 -8.36 23.71 -1.29
C ALA C 28 -7.52 22.61 -0.66
N VAL C 29 -7.64 22.47 0.66
CA VAL C 29 -6.96 21.43 1.41
C VAL C 29 -8.02 20.54 2.03
N THR C 30 -7.59 19.42 2.59
CA THR C 30 -8.46 18.55 3.38
C THR C 30 -8.45 19.07 4.82
N VAL C 31 -9.52 19.77 5.19
CA VAL C 31 -9.64 20.37 6.51
C VAL C 31 -10.24 19.33 7.45
N VAL C 32 -9.59 19.12 8.60
CA VAL C 32 -10.14 18.20 9.58
C VAL C 32 -11.18 18.91 10.44
N HIS C 33 -10.88 20.13 10.87
CA HIS C 33 -11.83 20.94 11.62
C HIS C 33 -11.39 22.40 11.58
N TYR C 34 -12.38 23.28 11.65
CA TYR C 34 -12.15 24.71 11.76
C TYR C 34 -12.20 25.14 13.22
N VAL C 35 -11.25 25.98 13.61
CA VAL C 35 -11.22 26.56 14.95
C VAL C 35 -11.68 28.01 14.82
N ILE C 36 -12.82 28.31 15.44
CA ILE C 36 -13.35 29.67 15.48
C ILE C 36 -12.97 30.29 16.81
N THR C 37 -12.47 31.52 16.76
CA THR C 37 -12.16 32.29 17.95
C THR C 37 -12.87 33.64 17.87
N TYR C 38 -13.42 34.08 19.00
CA TYR C 38 -14.14 35.34 19.04
C TYR C 38 -13.99 35.97 20.41
N GLY C 39 -13.82 37.28 20.43
CA GLY C 39 -13.68 37.99 21.67
C GLY C 39 -14.03 39.44 21.47
N GLU C 40 -14.54 40.07 22.53
CA GLU C 40 -14.78 41.49 22.51
C GLU C 40 -13.52 42.23 22.07
N THR C 41 -13.66 43.05 21.02
CA THR C 41 -12.51 43.79 20.49
C THR C 41 -11.90 44.72 21.53
N GLY C 42 -12.65 45.05 22.58
CA GLY C 42 -12.15 45.95 23.62
C GLY C 42 -11.32 45.30 24.71
N GLY C 43 -10.02 45.12 24.44
CA GLY C 43 -9.07 44.80 25.49
C GLY C 43 -9.28 43.43 26.11
N ASN C 44 -9.32 43.40 27.43
CA ASN C 44 -9.19 42.16 28.19
C ASN C 44 -10.53 41.48 28.44
N SER C 45 -11.27 41.23 27.36
CA SER C 45 -12.34 40.24 27.40
C SER C 45 -11.78 38.92 26.92
N PRO C 46 -11.82 37.86 27.73
CA PRO C 46 -11.27 36.58 27.28
C PRO C 46 -11.72 36.22 25.88
N VAL C 47 -10.76 35.99 24.98
CA VAL C 47 -11.11 35.44 23.68
C VAL C 47 -11.59 34.01 23.88
N GLN C 48 -12.79 33.72 23.40
CA GLN C 48 -13.34 32.39 23.42
C GLN C 48 -13.17 31.71 22.06
N GLU C 49 -13.05 30.39 22.08
CA GLU C 49 -12.85 29.64 20.84
C GLU C 49 -13.58 28.32 20.92
N PHE C 50 -13.89 27.79 19.73
CA PHE C 50 -14.52 26.48 19.60
C PHE C 50 -14.21 25.98 18.20
N THR C 51 -14.54 24.71 17.94
CA THR C 51 -14.23 24.10 16.66
C THR C 51 -15.50 23.79 15.88
N VAL C 52 -15.33 23.63 14.58
CA VAL C 52 -16.40 23.24 13.67
C VAL C 52 -15.83 22.14 12.78
N PRO C 53 -16.60 21.09 12.48
CA PRO C 53 -16.10 20.05 11.57
C PRO C 53 -15.65 20.65 10.24
N GLY C 54 -14.76 19.92 9.56
CA GLY C 54 -14.24 20.38 8.29
C GLY C 54 -15.26 20.40 7.17
N SER C 55 -16.30 19.58 7.27
CA SER C 55 -17.30 19.52 6.21
C SER C 55 -18.21 20.73 6.23
N LYS C 56 -18.25 21.47 7.32
CA LYS C 56 -19.04 22.69 7.45
C LYS C 56 -18.17 23.92 7.18
N SER C 57 -18.83 25.00 6.73
CA SER C 57 -18.13 26.25 6.51
C SER C 57 -18.90 27.44 7.09
N THR C 58 -19.87 27.20 7.98
CA THR C 58 -20.56 28.25 8.71
C THR C 58 -20.53 27.90 10.19
N ALA C 59 -20.74 28.93 11.01
CA ALA C 59 -20.72 28.73 12.45
C ALA C 59 -21.53 29.83 13.13
N THR C 60 -22.16 29.47 14.25
CA THR C 60 -22.89 30.41 15.08
C THR C 60 -22.09 30.77 16.32
N ILE C 61 -22.21 32.03 16.75
CA ILE C 61 -21.56 32.51 17.96
C ILE C 61 -22.63 33.18 18.81
N SER C 62 -22.74 32.75 20.07
CA SER C 62 -23.81 33.18 20.97
C SER C 62 -23.21 33.72 22.26
N GLY C 63 -24.10 34.17 23.14
CA GLY C 63 -23.67 34.69 24.42
C GLY C 63 -23.00 36.04 24.35
N LEU C 64 -23.08 36.71 23.21
CA LEU C 64 -22.45 38.02 23.05
C LEU C 64 -23.36 39.10 23.63
N LYS C 65 -22.72 40.18 24.14
CA LYS C 65 -23.50 41.30 24.65
C LYS C 65 -23.98 42.18 23.49
N PRO C 66 -25.19 42.73 23.57
CA PRO C 66 -25.74 43.49 22.43
C PRO C 66 -25.02 44.83 22.27
N GLY C 67 -24.63 45.12 21.04
CA GLY C 67 -24.00 46.39 20.74
C GLY C 67 -22.51 46.46 21.02
N VAL C 68 -21.80 45.35 20.91
CA VAL C 68 -20.38 45.27 21.20
C VAL C 68 -19.62 44.83 19.96
N ASP C 69 -18.46 45.43 19.73
CA ASP C 69 -17.61 45.05 18.61
C ASP C 69 -16.80 43.82 19.00
N TYR C 70 -16.96 42.75 18.24
CA TYR C 70 -16.23 41.51 18.47
C TYR C 70 -15.21 41.29 17.35
N THR C 71 -14.11 40.64 17.72
CA THR C 71 -13.11 40.19 16.76
C THR C 71 -13.28 38.69 16.53
N ILE C 72 -13.62 38.32 15.29
CA ILE C 72 -13.91 36.93 14.93
C ILE C 72 -12.78 36.45 14.02
N THR C 73 -12.07 35.42 14.45
CA THR C 73 -10.96 34.84 13.71
C THR C 73 -11.18 33.36 13.49
N VAL C 74 -10.60 32.82 12.42
CA VAL C 74 -10.81 31.43 12.05
C VAL C 74 -9.56 30.86 11.40
N TYR C 75 -9.13 29.68 11.86
CA TYR C 75 -8.07 28.91 11.22
C TYR C 75 -8.49 27.44 11.14
N THR C 76 -7.62 26.60 10.57
CA THR C 76 -7.92 25.21 10.30
C THR C 76 -6.87 24.29 10.88
N MET C 77 -7.32 23.14 11.37
CA MET C 77 -6.47 21.99 11.56
C MET C 77 -6.74 21.06 10.38
N TYR C 78 -5.76 20.93 9.49
CA TYR C 78 -5.95 20.28 8.21
C TYR C 78 -4.86 19.23 8.01
N TYR C 79 -5.05 18.41 7.00
CA TYR C 79 -4.04 17.44 6.59
C TYR C 79 -3.42 17.90 5.27
N SER C 80 -2.10 17.90 5.23
CA SER C 80 -1.33 18.03 4.00
C SER C 80 -0.30 16.92 3.97
N TYR C 81 0.04 16.46 2.76
CA TYR C 81 1.10 15.47 2.66
C TYR C 81 2.38 15.98 3.31
N SER C 82 2.71 17.24 3.11
CA SER C 82 4.00 17.78 3.51
C SER C 82 4.10 17.97 5.03
N ASP C 83 2.98 18.06 5.75
CA ASP C 83 3.00 18.39 7.18
C ASP C 83 2.12 17.53 8.06
N LEU C 84 1.24 16.70 7.50
CA LEU C 84 0.31 15.90 8.30
C LEU C 84 -0.63 16.90 8.97
N TYR C 85 -0.95 16.72 10.25
CA TYR C 85 -1.86 17.60 10.97
C TYR C 85 -1.10 18.81 11.45
N SER C 86 -1.43 19.97 10.87
CA SER C 86 -0.90 21.24 11.33
C SER C 86 -2.02 22.28 11.32
N TYR C 87 -1.79 23.39 12.02
CA TYR C 87 -2.77 24.46 12.13
C TYR C 87 -2.44 25.57 11.14
N SER C 88 -3.47 26.12 10.51
CA SER C 88 -3.26 27.17 9.52
C SER C 88 -3.22 28.55 10.17
N SER C 89 -2.70 29.52 9.40
CA SER C 89 -2.78 30.91 9.82
C SER C 89 -4.24 31.34 9.86
N PRO C 90 -4.56 32.36 10.63
CA PRO C 90 -5.96 32.71 10.87
C PRO C 90 -6.46 33.75 9.87
N ILE C 91 -7.78 33.88 9.82
CA ILE C 91 -8.44 34.92 9.04
C ILE C 91 -9.45 35.61 9.96
N SER C 92 -9.30 36.92 10.13
CA SER C 92 -10.04 37.65 11.13
C SER C 92 -10.94 38.71 10.49
N ILE C 93 -12.05 39.01 11.18
CA ILE C 93 -12.93 40.11 10.82
C ILE C 93 -13.45 40.74 12.10
N ASN C 94 -14.03 41.93 11.96
CA ASN C 94 -14.73 42.61 13.04
C ASN C 94 -16.20 42.78 12.68
N TYR C 95 -17.08 42.48 13.62
CA TYR C 95 -18.50 42.74 13.46
C TYR C 95 -19.04 43.19 14.80
N ARG C 96 -19.84 44.25 14.78
CA ARG C 96 -20.39 44.85 15.99
C ARG C 96 -21.87 44.50 16.07
N THR C 97 -22.25 43.85 17.17
CA THR C 97 -23.64 43.46 17.37
C THR C 97 -24.48 44.67 17.75
N SER D 2 13.27 -20.11 1.25
CA SER D 2 14.01 -21.37 1.38
C SER D 2 13.07 -22.57 1.26
N VAL D 3 11.84 -22.42 1.76
CA VAL D 3 10.85 -23.48 1.67
C VAL D 3 10.83 -24.04 0.26
N SER D 4 10.69 -25.36 0.15
CA SER D 4 10.74 -26.03 -1.13
C SER D 4 9.48 -25.74 -1.95
N SER D 5 9.67 -25.70 -3.26
CA SER D 5 8.60 -25.36 -4.20
C SER D 5 8.26 -26.51 -5.12
N VAL D 6 8.72 -27.73 -4.82
CA VAL D 6 8.51 -28.88 -5.69
C VAL D 6 7.42 -29.77 -5.10
N PRO D 7 6.53 -30.33 -5.92
CA PRO D 7 5.48 -31.21 -5.38
C PRO D 7 6.09 -32.47 -4.78
N THR D 8 5.26 -33.34 -4.24
CA THR D 8 5.73 -34.58 -3.62
C THR D 8 4.66 -35.66 -3.80
N LYS D 9 5.07 -36.90 -3.52
CA LYS D 9 4.19 -38.05 -3.65
C LYS D 9 3.51 -38.08 -5.02
N LEU D 10 4.32 -37.93 -6.06
CA LEU D 10 3.84 -38.16 -7.40
C LEU D 10 3.63 -39.65 -7.60
N GLU D 11 2.45 -40.04 -8.07
CA GLU D 11 2.15 -41.46 -8.18
C GLU D 11 0.90 -41.65 -9.03
N VAL D 12 0.86 -42.78 -9.73
CA VAL D 12 -0.34 -43.19 -10.44
C VAL D 12 -1.30 -43.81 -9.44
N VAL D 13 -2.47 -43.21 -9.28
CA VAL D 13 -3.46 -43.74 -8.36
C VAL D 13 -4.47 -44.62 -9.07
N ALA D 14 -4.62 -44.48 -10.38
CA ALA D 14 -5.50 -45.35 -11.16
C ALA D 14 -4.97 -45.40 -12.58
N ALA D 15 -4.82 -46.60 -13.11
CA ALA D 15 -4.34 -46.78 -14.47
C ALA D 15 -5.32 -47.63 -15.25
N THR D 16 -5.38 -47.38 -16.56
CA THR D 16 -5.89 -48.34 -17.53
C THR D 16 -4.75 -48.66 -18.49
N PRO D 17 -5.01 -49.39 -19.58
CA PRO D 17 -3.94 -49.58 -20.56
C PRO D 17 -3.56 -48.29 -21.26
N THR D 18 -4.46 -47.31 -21.34
CA THR D 18 -4.30 -46.16 -22.23
C THR D 18 -4.50 -44.85 -21.49
N SER D 19 -4.48 -44.86 -20.16
CA SER D 19 -4.65 -43.64 -19.41
C SER D 19 -4.11 -43.84 -18.00
N LEU D 20 -3.57 -42.76 -17.43
CA LEU D 20 -3.02 -42.80 -16.09
C LEU D 20 -3.66 -41.68 -15.27
N LEU D 21 -4.19 -42.03 -14.11
CA LEU D 21 -4.62 -41.02 -13.16
C LEU D 21 -3.47 -40.83 -12.16
N ILE D 22 -2.80 -39.69 -12.26
CA ILE D 22 -1.70 -39.39 -11.37
C ILE D 22 -2.17 -38.34 -10.37
N SER D 23 -1.48 -38.28 -9.23
CA SER D 23 -1.73 -37.27 -8.22
C SER D 23 -0.42 -36.98 -7.50
N TRP D 24 -0.39 -35.83 -6.83
CA TRP D 24 0.79 -35.42 -6.07
C TRP D 24 0.32 -34.63 -4.86
N ASP D 25 1.28 -34.04 -4.14
CA ASP D 25 0.99 -33.21 -2.97
C ASP D 25 1.61 -31.85 -3.19
N ALA D 26 0.84 -30.79 -2.94
CA ALA D 26 1.26 -29.44 -3.30
C ALA D 26 2.42 -28.97 -2.42
N PRO D 27 3.37 -28.24 -2.98
CA PRO D 27 4.40 -27.61 -2.15
C PRO D 27 3.81 -26.49 -1.32
N ALA D 28 4.58 -26.05 -0.32
CA ALA D 28 4.16 -24.97 0.57
C ALA D 28 4.56 -23.62 -0.03
N VAL D 29 3.97 -23.30 -1.17
CA VAL D 29 4.25 -22.07 -1.90
C VAL D 29 3.02 -21.71 -2.72
N THR D 30 2.83 -20.42 -2.95
CA THR D 30 1.72 -20.02 -3.79
C THR D 30 1.96 -20.51 -5.21
N VAL D 31 1.39 -21.65 -5.55
CA VAL D 31 1.60 -22.25 -6.87
C VAL D 31 0.56 -21.68 -7.82
N VAL D 32 1.04 -21.04 -8.90
CA VAL D 32 0.11 -20.46 -9.88
C VAL D 32 -0.51 -21.57 -10.73
N HIS D 33 0.32 -22.48 -11.25
CA HIS D 33 -0.19 -23.64 -11.97
C HIS D 33 0.86 -24.74 -11.93
N TYR D 34 0.39 -25.97 -12.10
CA TYR D 34 1.26 -27.14 -12.22
C TYR D 34 1.45 -27.50 -13.68
N VAL D 35 2.65 -27.95 -14.03
CA VAL D 35 2.96 -28.46 -15.36
C VAL D 35 3.25 -29.95 -15.23
N ILE D 36 2.52 -30.76 -15.99
CA ILE D 36 2.77 -32.19 -16.08
C ILE D 36 3.39 -32.48 -17.45
N THR D 37 4.45 -33.26 -17.45
CA THR D 37 5.08 -33.73 -18.67
C THR D 37 5.03 -35.26 -18.69
N TYR D 38 4.73 -35.82 -19.85
CA TYR D 38 4.73 -37.26 -20.02
C TYR D 38 5.32 -37.67 -21.37
N GLY D 39 6.18 -38.68 -21.33
CA GLY D 39 6.73 -39.24 -22.55
C GLY D 39 7.15 -40.67 -22.32
N GLU D 40 7.41 -41.37 -23.43
CA GLU D 40 7.83 -42.76 -23.34
C GLU D 40 9.24 -42.84 -22.81
N THR D 41 9.45 -43.68 -21.79
CA THR D 41 10.71 -43.68 -21.06
C THR D 41 11.89 -43.79 -22.01
N GLY D 42 11.87 -44.78 -22.89
CA GLY D 42 12.85 -44.85 -23.94
C GLY D 42 12.82 -43.61 -24.80
N GLY D 43 13.82 -42.74 -24.65
CA GLY D 43 13.85 -41.47 -25.34
C GLY D 43 13.57 -41.56 -26.83
N ASN D 44 12.37 -42.00 -27.19
CA ASN D 44 11.99 -42.19 -28.58
C ASN D 44 10.50 -41.88 -28.75
N SER D 45 10.14 -40.61 -28.50
CA SER D 45 8.76 -40.15 -28.65
C SER D 45 8.66 -38.68 -28.28
N PRO D 46 7.80 -37.92 -28.94
CA PRO D 46 7.65 -36.50 -28.59
C PRO D 46 7.15 -36.34 -27.16
N VAL D 47 7.87 -35.55 -26.37
CA VAL D 47 7.46 -35.26 -25.00
C VAL D 47 6.33 -34.24 -25.03
N GLN D 48 5.26 -34.52 -24.26
CA GLN D 48 4.09 -33.68 -24.19
C GLN D 48 3.97 -33.08 -22.80
N GLU D 49 3.55 -31.81 -22.74
CA GLU D 49 3.34 -31.10 -21.50
C GLU D 49 1.98 -30.41 -21.51
N PHE D 50 1.39 -30.24 -20.33
CA PHE D 50 0.17 -29.47 -20.20
C PHE D 50 0.12 -28.88 -18.81
N THR D 51 -0.77 -27.92 -18.62
CA THR D 51 -0.90 -27.21 -17.36
C THR D 51 -2.19 -27.61 -16.66
N VAL D 52 -2.17 -27.50 -15.33
CA VAL D 52 -3.36 -27.69 -14.50
C VAL D 52 -3.39 -26.60 -13.44
N PRO D 53 -4.56 -26.05 -13.10
CA PRO D 53 -4.61 -24.95 -12.13
C PRO D 53 -3.96 -25.32 -10.81
N GLY D 54 -3.48 -24.29 -10.10
CA GLY D 54 -2.90 -24.51 -8.79
C GLY D 54 -3.88 -25.12 -7.80
N SER D 55 -5.18 -24.87 -8.01
CA SER D 55 -6.21 -25.38 -7.14
C SER D 55 -6.47 -26.87 -7.34
N LYS D 56 -5.72 -27.54 -8.21
CA LYS D 56 -5.86 -28.97 -8.45
C LYS D 56 -4.53 -29.67 -8.19
N SER D 57 -4.58 -30.88 -7.64
CA SER D 57 -3.39 -31.67 -7.37
C SER D 57 -3.46 -33.06 -8.00
N THR D 58 -4.29 -33.21 -9.03
CA THR D 58 -4.32 -34.44 -9.81
C THR D 58 -4.53 -34.10 -11.27
N ALA D 59 -3.96 -34.94 -12.14
CA ALA D 59 -4.10 -34.78 -13.58
C ALA D 59 -4.35 -36.14 -14.23
N THR D 60 -4.82 -36.11 -15.47
CA THR D 60 -5.03 -37.31 -16.28
C THR D 60 -4.15 -37.25 -17.52
N ILE D 61 -3.41 -38.31 -17.75
CA ILE D 61 -2.65 -38.51 -18.98
C ILE D 61 -3.41 -39.52 -19.82
N SER D 62 -3.65 -39.18 -21.08
CA SER D 62 -4.51 -39.97 -21.96
C SER D 62 -3.75 -40.29 -23.24
N GLY D 63 -4.40 -41.07 -24.10
CA GLY D 63 -3.86 -41.44 -25.40
C GLY D 63 -2.62 -42.30 -25.34
N LEU D 64 -2.31 -42.82 -24.16
CA LEU D 64 -1.11 -43.61 -24.01
C LEU D 64 -1.20 -44.94 -24.75
N LYS D 65 -0.03 -45.51 -25.06
CA LYS D 65 0.03 -46.83 -25.66
C LYS D 65 -0.01 -47.88 -24.57
N PRO D 66 -0.72 -48.99 -24.79
CA PRO D 66 -0.78 -50.05 -23.77
C PRO D 66 0.54 -50.79 -23.72
N GLY D 67 1.00 -51.05 -22.50
CA GLY D 67 2.19 -51.84 -22.33
C GLY D 67 3.49 -51.11 -22.51
N VAL D 68 3.47 -49.78 -22.51
CA VAL D 68 4.66 -48.96 -22.74
C VAL D 68 5.04 -48.27 -21.44
N ASP D 69 6.33 -48.16 -21.18
CA ASP D 69 6.81 -47.46 -20.00
C ASP D 69 6.87 -45.96 -20.27
N TYR D 70 6.34 -45.17 -19.34
CA TYR D 70 6.29 -43.72 -19.47
C TYR D 70 7.00 -43.09 -18.28
N THR D 71 7.77 -42.03 -18.55
CA THR D 71 8.33 -41.17 -17.52
C THR D 71 7.43 -39.96 -17.33
N ILE D 72 6.93 -39.78 -16.11
CA ILE D 72 5.97 -38.73 -15.80
C ILE D 72 6.63 -37.79 -14.79
N THR D 73 6.64 -36.50 -15.09
CA THR D 73 7.22 -35.52 -14.19
C THR D 73 6.28 -34.32 -14.06
N VAL D 74 6.38 -33.64 -12.91
CA VAL D 74 5.49 -32.55 -12.56
C VAL D 74 6.30 -31.48 -11.84
N TYR D 75 6.17 -30.23 -12.28
CA TYR D 75 6.84 -29.09 -11.65
C TYR D 75 5.86 -27.93 -11.55
N THR D 76 6.24 -26.92 -10.77
CA THR D 76 5.37 -25.80 -10.47
C THR D 76 5.88 -24.53 -11.12
N MET D 77 4.95 -23.61 -11.35
CA MET D 77 5.24 -22.20 -11.60
C MET D 77 4.65 -21.44 -10.41
N TYR D 78 5.51 -20.94 -9.53
CA TYR D 78 5.09 -20.50 -8.22
C TYR D 78 5.53 -19.06 -7.96
N TYR D 79 4.81 -18.39 -7.06
CA TYR D 79 5.21 -17.08 -6.56
C TYR D 79 5.91 -17.22 -5.22
N SER D 80 7.09 -16.64 -5.12
CA SER D 80 7.82 -16.55 -3.86
C SER D 80 8.27 -15.10 -3.72
N TYR D 81 8.46 -14.68 -2.47
CA TYR D 81 8.84 -13.29 -2.25
C TYR D 81 10.13 -12.97 -3.00
N SER D 82 11.11 -13.87 -2.91
CA SER D 82 12.46 -13.56 -3.37
C SER D 82 12.60 -13.71 -4.88
N ASP D 83 11.83 -14.57 -5.52
CA ASP D 83 11.99 -14.85 -6.94
C ASP D 83 10.79 -14.45 -7.79
N LEU D 84 9.75 -13.85 -7.21
CA LEU D 84 8.52 -13.52 -7.94
C LEU D 84 8.04 -14.81 -8.61
N TYR D 85 7.79 -14.83 -9.92
CA TYR D 85 7.45 -16.05 -10.62
C TYR D 85 8.71 -16.81 -11.00
N SER D 86 8.59 -18.13 -11.02
CA SER D 86 9.69 -19.01 -11.37
C SER D 86 9.17 -20.44 -11.44
N TYR D 87 9.95 -21.31 -12.11
CA TYR D 87 9.60 -22.72 -12.26
C TYR D 87 10.36 -23.56 -11.24
N SER D 88 9.69 -24.58 -10.72
CA SER D 88 10.35 -25.48 -9.79
C SER D 88 11.13 -26.56 -10.54
N SER D 89 12.02 -27.21 -9.82
CA SER D 89 12.62 -28.41 -10.36
C SER D 89 11.57 -29.52 -10.35
N PRO D 90 11.71 -30.52 -11.22
CA PRO D 90 10.64 -31.49 -11.39
C PRO D 90 10.73 -32.65 -10.41
N ILE D 91 9.60 -33.34 -10.26
CA ILE D 91 9.52 -34.62 -9.55
C ILE D 91 9.07 -35.68 -10.57
N SER D 92 9.93 -36.66 -10.81
CA SER D 92 9.69 -37.63 -11.87
C SER D 92 9.29 -38.99 -11.29
N ILE D 93 8.54 -39.74 -12.09
CA ILE D 93 8.25 -41.14 -11.80
C ILE D 93 8.19 -41.86 -13.13
N ASN D 94 8.34 -43.18 -13.07
CA ASN D 94 8.14 -44.05 -14.22
C ASN D 94 6.95 -44.95 -13.96
N TYR D 95 6.21 -45.26 -15.01
CA TYR D 95 5.05 -46.14 -14.87
C TYR D 95 4.81 -46.85 -16.20
N ARG D 96 4.52 -48.13 -16.12
CA ARG D 96 4.22 -48.95 -17.29
C ARG D 96 2.72 -49.13 -17.41
N THR D 97 2.18 -48.85 -18.60
CA THR D 97 0.75 -48.91 -18.80
C THR D 97 0.27 -50.33 -19.01
C1 DMU E . -4.85 -16.04 -15.54
C2 DMU E . -5.54 -17.33 -15.91
C3 DMU E . -6.37 -17.81 -14.71
C4 DMU E . -7.33 -16.68 -14.31
O5 DMU E . -6.60 -15.48 -14.00
C6 DMU E . -5.84 -14.98 -15.11
O7 DMU E . -7.06 -19.00 -15.16
O16 DMU E . -5.05 -13.82 -14.77
C18 DMU E . -5.77 -12.60 -14.50
C19 DMU E . -6.04 -12.50 -13.02
C22 DMU E . -5.75 -11.13 -12.41
C25 DMU E . -6.72 -10.02 -12.77
C28 DMU E . -6.51 -8.74 -11.93
C31 DMU E . -7.44 -7.59 -12.27
C34 DMU E . -7.29 -6.38 -11.35
C37 DMU E . -7.87 -6.56 -9.95
C40 DMU E . -9.40 -6.66 -9.92
C43 DMU E . -9.98 -6.75 -8.52
O49 DMU E . -4.05 -15.58 -16.65
O55 DMU E . -4.59 -18.32 -16.31
C57 DMU E . -8.15 -17.05 -13.10
O61 DMU E . -7.32 -17.21 -11.94
C5 DMU E . -6.56 -21.10 -16.29
C7 DMU E . -8.03 -21.43 -16.46
C8 DMU E . -8.57 -22.10 -15.20
C9 DMU E . -8.29 -21.19 -14.00
O1 DMU E . -6.89 -20.93 -13.90
C10 DMU E . -6.36 -20.24 -15.03
O2 DMU E . -9.98 -22.32 -15.32
O3 DMU E . -6.03 -20.44 -17.44
O4 DMU E . -8.24 -22.27 -17.59
C11 DMU E . -8.74 -21.81 -12.69
O6 DMU E . -10.14 -22.05 -12.69
H1 DMU E . -4.23 -16.22 -14.79
H2 DMU E . -6.14 -17.18 -16.68
H3 DMU E . -5.82 -18.05 -13.92
H4 DMU E . -7.94 -16.49 -15.07
H5 DMU E . -6.47 -14.72 -15.81
H6 DMU E . -6.61 -12.59 -15.00
H7 DMU E . -5.24 -11.83 -14.80
H8 DMU E . -5.50 -13.18 -12.56
H9 DMU E . -6.98 -12.72 -12.86
H10 DMU E . -5.73 -11.23 -11.43
H11 DMU E . -4.84 -10.86 -12.69
H12 DMU E . -7.63 -10.33 -12.64
H13 DMU E . -6.61 -9.79 -13.72
H14 DMU E . -5.59 -8.45 -12.05
H15 DMU E . -6.63 -8.97 -10.98
H16 DMU E . -8.37 -7.90 -12.22
H17 DMU E . -7.27 -7.31 -13.19
H18 DMU E . -7.72 -5.61 -11.77
H19 DMU E . -6.33 -6.17 -11.26
H20 DMU E . -7.50 -7.38 -9.55
H21 DMU E . -7.59 -5.81 -9.39
H22 DMU E . -9.68 -7.44 -10.45
H23 DMU E . -9.77 -5.86 -10.37
H24 DMU E . -9.65 -7.56 -8.08
H25 DMU E . -9.73 -5.98 -8.01
H26 DMU E . -10.96 -6.80 -8.58
H27 DMU E . -3.65 -14.88 -16.43
H28 DMU E . -4.08 -18.48 -15.67
H29 DMU E . -8.81 -16.34 -12.92
H30 DMU E . -8.63 -17.88 -13.27
H31 DMU E . -7.78 -17.35 -11.28
H32 DMU E . -6.06 -21.94 -16.19
H33 DMU E . -8.53 -20.58 -16.62
H34 DMU E . -8.13 -22.96 -15.08
H35 DMU E . -8.77 -20.33 -14.12
H36 DMU E . -5.39 -20.05 -14.95
H37 DMU E . -10.13 -22.80 -15.98
H38 DMU E . -6.44 -19.73 -17.56
H39 DMU E . -7.83 -22.98 -17.47
H40 DMU E . -8.51 -21.21 -11.96
H41 DMU E . -8.26 -22.65 -12.56
H42 DMU E . -10.36 -22.39 -11.97
BR BR F . 7.71 -5.31 -4.68
NA NA G . 7.25 1.63 0.48
C1 DMU H . -12.94 11.68 14.46
C2 DMU H . -14.18 12.50 14.76
C3 DMU H . -14.98 12.71 13.48
C4 DMU H . -15.32 11.37 12.88
O5 DMU H . -14.10 10.68 12.58
C6 DMU H . -13.35 10.39 13.76
O7 DMU H . -16.18 13.42 13.83
O16 DMU H . -12.17 9.67 13.39
C18 DMU H . -12.39 8.70 12.36
C19 DMU H . -11.73 7.40 12.75
C22 DMU H . -11.83 6.33 11.68
C25 DMU H . -11.28 4.98 12.10
C28 DMU H . -11.26 3.97 10.99
C31 DMU H . -10.70 2.61 11.39
C34 DMU H . -10.64 1.62 10.24
C37 DMU H . -12.00 1.18 9.71
C40 DMU H . -11.96 0.61 8.31
C43 DMU H . -13.30 0.07 7.83
O49 DMU H . -12.22 11.39 15.66
O55 DMU H . -13.80 13.75 15.34
C57 DMU H . -16.09 11.46 11.58
O61 DMU H . -15.33 12.13 10.58
C5 DMU H . -16.96 15.52 14.66
C7 DMU H . -18.41 15.14 14.56
C8 DMU H . -18.93 15.48 13.17
C9 DMU H . -18.09 14.69 12.16
O1 DMU H . -16.71 15.07 12.29
C10 DMU H . -16.15 14.82 13.57
O2 DMU H . -20.31 15.14 13.03
O3 DMU H . -16.42 15.18 15.94
O4 DMU H . -19.17 15.78 15.58
C11 DMU H . -18.49 14.92 10.72
O6 DMU H . -17.64 15.87 10.08
H1 DMU H . -12.34 12.19 13.88
H2 DMU H . -14.74 12.01 15.42
H3 DMU H . -14.47 13.27 12.82
H4 DMU H . -15.86 10.85 13.52
H5 DMU H . -13.89 9.84 14.38
H6 DMU H . -12.02 9.03 11.51
H7 DMU H . -13.36 8.56 12.24
H8 DMU H . -12.14 7.07 13.57
H9 DMU H . -10.78 7.57 12.93
H10 DMU H . -11.36 6.64 10.88
H11 DMU H . -12.77 6.22 11.43
H12 DMU H . -11.83 4.64 12.84
H13 DMU H . -10.37 5.11 12.44
H14 DMU H . -12.17 3.84 10.66
H15 DMU H . -10.72 4.31 10.25
H16 DMU H . -9.80 2.72 11.75
H17 DMU H . -11.27 2.24 12.10
H18 DMU H . -10.15 0.82 10.53
H19 DMU H . -10.14 2.02 9.50
H20 DMU H . -12.59 1.97 9.71
H21 DMU H . -12.38 0.52 10.32
H22 DMU H . -11.30 -0.13 8.29
H23 DMU H . -11.65 1.29 7.69
H24 DMU H . -13.22 -0.23 6.91
H25 DMU H . -13.58 -0.67 8.39
H26 DMU H . -13.97 0.78 7.88
H27 DMU H . -11.56 10.93 15.49
H28 DMU H . -13.38 13.61 16.05
H29 DMU H . -16.92 11.96 11.74
H30 DMU H . -16.33 10.57 11.27
H31 DMU H . -15.77 12.15 9.87
H32 DMU H . -16.88 16.50 14.55
H33 DMU H . -18.52 14.16 14.69
H34 DMU H . -18.86 16.45 13.00
H35 DMU H . -18.19 13.72 12.36
H36 DMU H . -15.22 15.15 13.61
H37 DMU H . -20.41 14.32 13.18
H38 DMU H . -16.47 14.35 16.05
H39 DMU H . -19.97 15.58 15.51
H40 DMU H . -18.45 14.07 10.23
H41 DMU H . -19.42 15.25 10.69
H42 DMU H . -17.81 15.90 9.27
BR BR I . 3.91 8.00 5.38
C1 DMU J . -15.28 12.66 19.94
C2 DMU J . -15.04 13.99 19.25
C3 DMU J . -13.59 14.43 19.49
C4 DMU J . -12.56 13.33 19.22
O5 DMU J . -12.93 12.15 19.92
C6 DMU J . -14.21 11.69 19.48
O7 DMU J . -13.21 15.44 18.55
O16 DMU J . -14.50 10.39 20.01
C18 DMU J . -15.32 9.61 19.13
C19 DMU J . -14.52 9.21 17.91
C22 DMU J . -15.33 8.38 16.93
C25 DMU J . -14.49 7.56 16.00
C28 DMU J . -13.56 6.58 16.71
C31 DMU J . -13.20 5.36 15.88
C34 DMU J . -14.42 4.55 15.49
C37 DMU J . -14.16 3.48 14.45
C40 DMU J . -13.50 2.23 14.96
C43 DMU J . -13.38 1.14 13.90
O49 DMU J . -16.61 12.22 19.65
O55 DMU J . -15.95 14.96 19.76
C57 DMU J . -11.18 13.75 19.67
O61 DMU J . -10.19 12.84 19.22
C5 DMU J . -14.13 17.52 17.70
C7 DMU J . -13.39 17.35 16.38
C8 DMU J . -11.96 17.88 16.51
C9 DMU J . -11.27 17.13 17.65
O1 DMU J . -12.02 17.35 18.87
C10 DMU J . -13.35 16.84 18.81
O2 DMU J . -11.25 17.69 15.28
O3 DMU J . -15.43 16.93 17.63
O4 DMU J . -14.09 18.03 15.32
C11 DMU J . -9.86 17.59 17.89
O6 DMU J . -9.26 16.84 18.96
H1 DMU J . -15.23 12.74 20.93
H2 DMU J . -15.19 13.88 18.28
H3 DMU J . -13.60 14.73 20.44
H4 DMU J . -12.54 13.13 18.25
H5 DMU J . -14.22 11.61 18.49
H6 DMU J . -16.11 10.12 18.87
H7 DMU J . -15.63 8.81 19.61
H8 DMU J . -13.74 8.70 18.19
H9 DMU J . -14.21 10.03 17.46
H10 DMU J . -15.89 8.98 16.39
H11 DMU J . -15.92 7.79 17.44
H12 DMU J . -13.95 8.16 15.44
H13 DMU J . -15.08 7.05 15.41
H14 DMU J . -13.99 6.28 17.55
H15 DMU J . -12.73 7.05 16.96
H16 DMU J . -12.73 5.66 15.07
H17 DMU J . -12.59 4.80 16.40
H18 DMU J . -15.10 5.17 15.14
H19 DMU J . -14.79 4.13 16.29
H20 DMU J . -13.61 3.86 13.74
H21 DMU J . -15.03 3.24 14.05
H22 DMU J . -12.61 2.44 15.30
H23 DMU J . -14.02 1.87 15.72
H24 DMU J . -14.27 0.94 13.56
H25 DMU J . -13.00 0.34 14.30
H26 DMU J . -12.82 1.46 13.18
H27 DMU J . -16.76 11.51 20.06
H28 DMU J . -15.80 15.69 19.41
H29 DMU J . -11.16 13.79 20.65
H30 DMU J . -10.98 14.64 19.32
H31 DMU J . -9.44 13.12 19.41
H32 DMU J . -14.23 18.48 17.89
H33 DMU J . -13.35 16.39 16.15
H34 DMU J . -11.96 18.84 16.71
H35 DMU J . -11.26 16.16 17.45
H36 DMU J . -13.84 17.00 19.65
H37 DMU J . -10.47 17.94 15.36
H38 DMU J . -15.36 16.12 17.48
H39 DMU J . -14.12 18.84 15.50
H40 DMU J . -9.85 18.54 18.11
H41 DMU J . -9.33 17.46 17.08
H42 DMU J . -8.48 17.10 19.07
#